data_6XP8
#
_entry.id   6XP8
#
_cell.length_a   103.475
_cell.length_b   36.837
_cell.length_c   59.959
_cell.angle_alpha   90.000
_cell.angle_beta   121.770
_cell.angle_gamma   90.000
#
_symmetry.space_group_name_H-M   'C 1 2 1'
#
loop_
_entity.id
_entity.type
_entity.pdbx_description
1 polymer 'TfuA domain-containing protein'
2 water water
#
_entity_poly.entity_id   1
_entity_poly.type   'polypeptide(L)'
_entity_poly.pdbx_seq_one_letter_code
;ARAVIFTGNSISHEDAKKILRANYQPPVRRFQLEKFVQQGYKVIGIIDGIFFDRAAVGHREILSALNAGVKVVGGASMGA
LRASELDTHGMVGVGKVYEWYRDGVIESDDEVAVSTNPDTFEPISVPLVNIRETLKAALDTGLVSEKEHNALLDLAINTY
YPDRSYLGLTKEGGKKGLIPKEKGKQLLDFCLNSEVDIKRQDAVLVLETVKKLIEEA
;
_entity_poly.pdbx_strand_id   A
#
# COMPACT_ATOMS: atom_id res chain seq x y z
N ALA A 1 -11.25 5.76 24.22
CA ALA A 1 -11.07 4.94 22.98
C ALA A 1 -9.61 4.93 22.55
N ARG A 2 -9.08 3.72 22.31
CA ARG A 2 -7.69 3.53 21.89
C ARG A 2 -7.64 2.92 20.50
N ALA A 3 -6.69 3.41 19.69
CA ALA A 3 -6.45 2.88 18.34
C ALA A 3 -5.13 2.15 18.22
N VAL A 4 -5.14 1.07 17.44
CA VAL A 4 -3.94 0.34 17.04
C VAL A 4 -3.84 0.35 15.51
N ILE A 5 -2.65 0.68 14.99
CA ILE A 5 -2.40 0.78 13.54
C ILE A 5 -1.25 -0.11 13.12
N PHE A 6 -1.50 -0.97 12.14
CA PHE A 6 -0.48 -1.85 11.59
C PHE A 6 0.08 -1.22 10.32
N THR A 7 1.32 -0.72 10.41
CA THR A 7 1.98 -0.02 9.30
C THR A 7 3.52 -0.08 9.44
N GLY A 8 4.24 0.73 8.68
CA GLY A 8 5.69 0.71 8.67
C GLY A 8 6.27 0.74 7.27
N ASN A 9 5.55 0.13 6.32
CA ASN A 9 5.96 0.05 4.91
C ASN A 9 5.48 1.27 4.12
N SER A 10 4.16 1.46 4.06
CA SER A 10 3.54 2.51 3.25
C SER A 10 3.79 3.90 3.85
N ILE A 11 3.90 3.94 5.16
CA ILE A 11 4.34 5.10 5.93
C ILE A 11 5.07 4.57 7.16
N SER A 12 6.16 5.22 7.52
CA SER A 12 6.93 4.83 8.70
C SER A 12 6.16 5.16 9.99
N HIS A 13 6.49 4.46 11.07
CA HIS A 13 5.93 4.75 12.39
C HIS A 13 6.26 6.20 12.78
N GLU A 14 7.47 6.62 12.46
CA GLU A 14 7.95 7.98 12.75
C GLU A 14 7.07 9.05 12.10
N ASP A 15 6.75 8.85 10.83
CA ASP A 15 5.93 9.81 10.07
C ASP A 15 4.44 9.72 10.40
N ALA A 16 3.98 8.51 10.72
CA ALA A 16 2.58 8.32 11.13
C ALA A 16 2.27 8.93 12.50
N LYS A 17 3.24 8.82 13.42
CA LYS A 17 3.09 9.25 14.83
C LYS A 17 2.76 10.71 15.04
N LYS A 18 3.26 11.54 14.13
CA LYS A 18 3.05 12.98 14.17
C LYS A 18 1.64 13.33 13.73
N ILE A 19 1.13 12.56 12.76
CA ILE A 19 -0.23 12.73 12.19
C ILE A 19 -1.31 12.26 13.17
N LEU A 20 -1.08 11.09 13.78
CA LEU A 20 -2.00 10.55 14.77
C LEU A 20 -1.25 9.81 15.87
N ARG A 21 -1.44 10.24 17.13
CA ARG A 21 -0.96 9.46 18.26
C ARG A 21 -1.83 8.22 18.40
N ALA A 22 -1.21 7.07 18.18
CA ALA A 22 -1.85 5.77 18.28
C ALA A 22 -0.80 4.74 18.66
N ASN A 23 -1.24 3.51 18.92
CA ASN A 23 -0.33 2.40 19.08
C ASN A 23 0.05 1.88 17.69
N TYR A 24 1.27 2.20 17.26
CA TYR A 24 1.80 1.71 15.99
C TYR A 24 2.48 0.37 16.15
N GLN A 25 2.05 -0.57 15.31
CA GLN A 25 2.54 -1.94 15.32
C GLN A 25 3.15 -2.24 13.95
N PRO A 26 4.05 -3.25 13.87
CA PRO A 26 4.59 -3.67 12.57
C PRO A 26 3.48 -4.18 11.61
N PRO A 27 3.81 -4.36 10.30
CA PRO A 27 2.82 -4.94 9.37
C PRO A 27 2.12 -6.17 9.97
N VAL A 28 0.80 -6.21 9.82
CA VAL A 28 -0.03 -7.22 10.51
C VAL A 28 0.24 -8.64 10.01
N ARG A 29 0.24 -9.59 10.95
CA ARG A 29 0.35 -11.02 10.67
C ARG A 29 -0.82 -11.76 11.27
N ARG A 30 -0.98 -13.03 10.88
CA ARG A 30 -2.05 -13.91 11.37
C ARG A 30 -2.08 -13.99 12.90
N PHE A 31 -3.30 -13.86 13.43
CA PHE A 31 -3.61 -13.89 14.87
C PHE A 31 -2.91 -12.85 15.75
N GLN A 32 -2.76 -11.65 15.18
CA GLN A 32 -2.30 -10.49 15.94
C GLN A 32 -3.44 -9.58 16.38
N LEU A 33 -4.53 -9.54 15.60
CA LEU A 33 -5.66 -8.64 15.88
C LEU A 33 -6.36 -8.93 17.21
N GLU A 34 -6.58 -10.21 17.50
CA GLU A 34 -7.37 -10.61 18.68
C GLU A 34 -6.75 -10.16 20.01
N LYS A 35 -5.41 -10.05 20.05
CA LYS A 35 -4.70 -9.52 21.25
C LYS A 35 -5.21 -8.12 21.60
N PHE A 36 -5.35 -7.27 20.59
CA PHE A 36 -5.77 -5.89 20.77
C PHE A 36 -7.27 -5.76 21.02
N VAL A 37 -8.06 -6.61 20.37
CA VAL A 37 -9.50 -6.75 20.66
C VAL A 37 -9.72 -7.08 22.15
N GLN A 38 -8.95 -8.04 22.67
CA GLN A 38 -9.06 -8.47 24.06
C GLN A 38 -8.53 -7.45 25.07
N GLN A 39 -7.61 -6.59 24.62
CA GLN A 39 -7.07 -5.49 25.44
C GLN A 39 -8.04 -4.29 25.52
N GLY A 40 -9.13 -4.35 24.75
CA GLY A 40 -10.17 -3.31 24.77
C GLY A 40 -10.04 -2.19 23.75
N TYR A 41 -9.20 -2.36 22.74
CA TYR A 41 -9.04 -1.35 21.67
C TYR A 41 -10.33 -1.18 20.88
N LYS A 42 -10.61 0.06 20.48
CA LYS A 42 -11.89 0.41 19.85
C LYS A 42 -11.83 0.54 18.33
N VAL A 43 -10.66 0.90 17.81
CA VAL A 43 -10.44 1.03 16.36
C VAL A 43 -9.13 0.34 15.97
N ILE A 44 -9.18 -0.48 14.92
CA ILE A 44 -7.99 -1.06 14.28
C ILE A 44 -7.85 -0.44 12.89
N GLY A 45 -6.66 0.09 12.60
CA GLY A 45 -6.29 0.48 11.25
C GLY A 45 -5.34 -0.54 10.66
N ILE A 46 -5.75 -1.17 9.57
CA ILE A 46 -4.87 -2.08 8.84
C ILE A 46 -4.39 -1.33 7.61
N ILE A 47 -3.08 -1.03 7.58
CA ILE A 47 -2.44 -0.46 6.39
C ILE A 47 -1.62 -1.57 5.73
N ASP A 48 -0.54 -1.96 6.39
CA ASP A 48 0.40 -2.95 5.87
C ASP A 48 0.24 -4.29 6.57
N GLY A 49 0.53 -5.35 5.82
CA GLY A 49 0.48 -6.70 6.34
C GLY A 49 1.27 -7.65 5.46
N ILE A 50 1.71 -8.75 6.06
CA ILE A 50 2.42 -9.80 5.33
C ILE A 50 1.44 -10.48 4.38
N PHE A 51 1.87 -10.73 3.14
CA PHE A 51 1.01 -11.32 2.10
C PHE A 51 1.07 -12.84 1.98
N PHE A 52 2.15 -13.44 2.47
CA PHE A 52 2.33 -14.90 2.42
C PHE A 52 1.21 -15.61 3.16
N ASP A 53 0.65 -16.64 2.51
CA ASP A 53 -0.50 -17.41 2.99
C ASP A 53 -0.47 -17.82 4.47
N ARG A 54 0.67 -18.37 4.90
CA ARG A 54 0.81 -18.89 6.27
C ARG A 54 0.63 -17.80 7.32
N ALA A 55 1.03 -16.58 6.97
CA ALA A 55 1.15 -15.48 7.92
C ALA A 55 0.18 -14.31 7.67
N ALA A 56 -0.60 -14.36 6.60
CA ALA A 56 -1.50 -13.24 6.26
C ALA A 56 -2.68 -13.14 7.22
N VAL A 57 -3.09 -11.91 7.52
CA VAL A 57 -4.27 -11.65 8.35
C VAL A 57 -5.51 -12.27 7.69
N GLY A 58 -6.28 -13.04 8.45
CA GLY A 58 -7.41 -13.79 7.89
C GLY A 58 -8.72 -13.06 8.01
N HIS A 59 -9.66 -13.40 7.11
CA HIS A 59 -11.04 -12.85 7.17
C HIS A 59 -11.69 -13.11 8.52
N ARG A 60 -11.52 -14.34 9.04
CA ARG A 60 -12.05 -14.74 10.35
C ARG A 60 -11.63 -13.77 11.48
N GLU A 61 -10.36 -13.35 11.47
CA GLU A 61 -9.82 -12.42 12.46
C GLU A 61 -10.46 -11.05 12.41
N ILE A 62 -10.62 -10.53 11.18
CA ILE A 62 -11.24 -9.22 10.96
C ILE A 62 -12.71 -9.27 11.37
N LEU A 63 -13.41 -10.31 10.93
CA LEU A 63 -14.81 -10.52 11.31
C LEU A 63 -15.04 -10.65 12.81
N SER A 64 -14.11 -11.31 13.51
CA SER A 64 -14.16 -11.41 14.98
C SER A 64 -14.10 -10.03 15.63
N ALA A 65 -13.14 -9.22 15.18
CA ALA A 65 -12.98 -7.84 15.65
C ALA A 65 -14.25 -7.00 15.42
N LEU A 66 -14.83 -7.10 14.23
CA LEU A 66 -16.06 -6.39 13.87
C LEU A 66 -17.25 -6.81 14.73
N ASN A 67 -17.36 -8.12 14.97
CA ASN A 67 -18.43 -8.69 15.81
C ASN A 67 -18.32 -8.29 17.27
N ALA A 68 -17.10 -7.99 17.72
CA ALA A 68 -16.81 -7.53 19.08
C ALA A 68 -16.99 -6.01 19.26
N GLY A 69 -17.42 -5.33 18.20
CA GLY A 69 -17.68 -3.88 18.26
C GLY A 69 -16.48 -3.00 17.95
N VAL A 70 -15.39 -3.62 17.48
CA VAL A 70 -14.20 -2.88 17.08
C VAL A 70 -14.38 -2.44 15.62
N LYS A 71 -14.14 -1.16 15.37
CA LYS A 71 -14.19 -0.62 14.02
C LYS A 71 -12.88 -0.98 13.33
N VAL A 72 -12.97 -1.45 12.08
CA VAL A 72 -11.78 -1.84 11.32
C VAL A 72 -11.74 -1.01 10.03
N VAL A 73 -10.65 -0.28 9.86
CA VAL A 73 -10.40 0.56 8.68
C VAL A 73 -9.22 -0.07 7.94
N GLY A 74 -9.34 -0.14 6.61
CA GLY A 74 -8.24 -0.59 5.77
C GLY A 74 -8.01 0.29 4.56
N GLY A 75 -6.74 0.41 4.17
CA GLY A 75 -6.36 1.05 2.92
C GLY A 75 -4.89 0.86 2.59
N ALA A 76 -4.50 1.41 1.44
CA ALA A 76 -3.11 1.46 0.92
C ALA A 76 -2.53 0.13 0.42
N SER A 77 -2.55 -0.88 1.27
CA SER A 77 -1.82 -2.12 1.01
C SER A 77 -2.68 -3.34 1.37
N MET A 78 -2.25 -4.15 2.34
CA MET A 78 -3.08 -5.26 2.84
C MET A 78 -4.47 -4.77 3.30
N GLY A 79 -4.52 -3.57 3.89
CA GLY A 79 -5.79 -3.00 4.31
C GLY A 79 -6.74 -2.71 3.15
N ALA A 80 -6.18 -2.30 2.02
CA ALA A 80 -6.97 -2.03 0.81
C ALA A 80 -7.55 -3.32 0.23
N LEU A 81 -6.72 -4.37 0.16
CA LEU A 81 -7.13 -5.68 -0.32
C LEU A 81 -8.23 -6.28 0.56
N ARG A 82 -7.99 -6.32 1.87
CA ARG A 82 -8.98 -6.87 2.80
C ARG A 82 -10.28 -6.06 2.86
N ALA A 83 -10.18 -4.73 2.79
CA ALA A 83 -11.38 -3.90 2.80
C ALA A 83 -12.23 -4.15 1.55
N SER A 84 -11.59 -4.40 0.41
CA SER A 84 -12.32 -4.75 -0.82
C SER A 84 -13.04 -6.08 -0.72
N GLU A 85 -12.53 -6.97 0.13
CA GLU A 85 -13.12 -8.29 0.36
C GLU A 85 -14.17 -8.30 1.46
N LEU A 86 -14.08 -7.34 2.39
CA LEU A 86 -14.90 -7.37 3.62
C LEU A 86 -15.72 -6.12 3.90
N ASP A 87 -15.82 -5.20 2.93
CA ASP A 87 -16.59 -3.96 3.11
C ASP A 87 -18.09 -4.19 3.35
N THR A 88 -18.62 -5.23 2.73
CA THR A 88 -20.04 -5.62 2.90
C THR A 88 -20.32 -6.17 4.30
N HIS A 89 -19.26 -6.52 5.03
CA HIS A 89 -19.33 -7.05 6.39
C HIS A 89 -19.04 -6.03 7.49
N GLY A 90 -18.71 -4.80 7.10
CA GLY A 90 -18.48 -3.72 8.05
C GLY A 90 -17.09 -3.10 8.07
N MET A 91 -16.14 -3.70 7.36
CA MET A 91 -14.81 -3.09 7.23
C MET A 91 -14.90 -1.84 6.35
N VAL A 92 -14.28 -0.76 6.83
CA VAL A 92 -14.26 0.51 6.13
C VAL A 92 -13.01 0.54 5.25
N GLY A 93 -13.21 0.73 3.95
CA GLY A 93 -12.10 0.96 3.02
C GLY A 93 -11.94 2.44 2.70
N VAL A 94 -10.69 2.90 2.62
CA VAL A 94 -10.40 4.29 2.24
C VAL A 94 -9.21 4.34 1.29
N GLY A 95 -9.22 5.34 0.39
CA GLY A 95 -8.11 5.58 -0.51
C GLY A 95 -8.29 4.98 -1.89
N LYS A 96 -7.39 5.35 -2.80
CA LYS A 96 -7.49 4.96 -4.21
C LYS A 96 -7.25 3.47 -4.46
N VAL A 97 -6.28 2.88 -3.74
CA VAL A 97 -5.96 1.45 -3.90
C VAL A 97 -7.19 0.61 -3.56
N TYR A 98 -7.86 0.94 -2.45
CA TYR A 98 -9.13 0.30 -2.08
C TYR A 98 -10.18 0.43 -3.18
N GLU A 99 -10.37 1.66 -3.68
CA GLU A 99 -11.31 1.94 -4.77
C GLU A 99 -11.06 1.09 -6.00
N TRP A 100 -9.78 1.00 -6.41
CA TRP A 100 -9.40 0.18 -7.57
C TRP A 100 -9.68 -1.31 -7.38
N TYR A 101 -9.39 -1.85 -6.19
CA TYR A 101 -9.73 -3.24 -5.87
C TYR A 101 -11.24 -3.46 -5.89
N ARG A 102 -11.97 -2.56 -5.22
CA ARG A 102 -13.44 -2.60 -5.13
C ARG A 102 -14.10 -2.68 -6.51
N ASP A 103 -13.61 -1.86 -7.44
CA ASP A 103 -14.21 -1.70 -8.77
C ASP A 103 -13.61 -2.61 -9.83
N GLY A 104 -12.72 -3.51 -9.41
CA GLY A 104 -12.04 -4.45 -10.31
C GLY A 104 -11.07 -3.81 -11.29
N VAL A 105 -10.63 -2.60 -10.98
CA VAL A 105 -9.65 -1.86 -11.80
C VAL A 105 -8.27 -2.54 -11.70
N ILE A 106 -7.94 -2.99 -10.50
CA ILE A 106 -6.75 -3.84 -10.25
C ILE A 106 -7.21 -5.11 -9.54
N GLU A 107 -6.39 -6.16 -9.59
CA GLU A 107 -6.61 -7.38 -8.81
C GLU A 107 -5.32 -8.06 -8.39
N SER A 108 -5.42 -8.80 -7.28
CA SER A 108 -4.31 -9.55 -6.63
C SER A 108 -3.38 -8.68 -5.79
N ASP A 109 -2.74 -9.34 -4.81
CA ASP A 109 -1.80 -8.69 -3.91
C ASP A 109 -0.51 -8.25 -4.61
N ASP A 110 -0.27 -8.75 -5.82
CA ASP A 110 0.91 -8.33 -6.61
C ASP A 110 0.94 -6.82 -6.87
N GLU A 111 -0.23 -6.19 -6.85
CA GLU A 111 -0.35 -4.74 -7.07
C GLU A 111 0.31 -3.90 -5.97
N VAL A 112 0.37 -4.46 -4.76
CA VAL A 112 0.83 -3.73 -3.58
C VAL A 112 2.07 -4.32 -2.88
N ALA A 113 2.42 -5.57 -3.19
CA ALA A 113 3.55 -6.25 -2.53
C ALA A 113 4.87 -5.47 -2.70
N VAL A 114 5.61 -5.35 -1.59
CA VAL A 114 6.95 -4.74 -1.56
C VAL A 114 7.92 -5.56 -0.73
N SER A 115 9.17 -5.64 -1.18
CA SER A 115 10.23 -6.16 -0.34
C SER A 115 10.61 -5.07 0.67
N THR A 116 10.96 -5.50 1.89
CA THR A 116 11.21 -4.55 2.97
C THR A 116 12.44 -4.95 3.77
N ASN A 117 13.02 -3.96 4.43
CA ASN A 117 13.99 -4.19 5.52
C ASN A 117 13.20 -4.77 6.69
N PRO A 118 13.52 -6.02 7.10
CA PRO A 118 12.74 -6.70 8.15
C PRO A 118 12.86 -6.06 9.55
N ASP A 119 13.93 -5.30 9.77
CA ASP A 119 14.17 -4.64 11.06
C ASP A 119 13.46 -3.29 11.17
N THR A 120 13.55 -2.47 10.12
CA THR A 120 13.07 -1.08 10.12
C THR A 120 11.69 -0.91 9.46
N PHE A 121 11.28 -1.92 8.69
CA PHE A 121 10.05 -1.93 7.86
C PHE A 121 10.11 -1.01 6.62
N GLU A 122 11.23 -0.33 6.40
CA GLU A 122 11.36 0.54 5.23
C GLU A 122 11.35 -0.30 3.94
N PRO A 123 10.55 0.13 2.93
CA PRO A 123 10.54 -0.63 1.67
C PRO A 123 11.86 -0.53 0.92
N ILE A 124 12.23 -1.64 0.28
CA ILE A 124 13.37 -1.68 -0.62
C ILE A 124 12.86 -1.47 -2.04
N SER A 125 11.85 -2.25 -2.43
CA SER A 125 11.27 -2.17 -3.76
C SER A 125 10.10 -1.17 -3.84
N VAL A 126 9.59 -0.99 -5.05
CA VAL A 126 8.51 -0.06 -5.37
C VAL A 126 7.23 -0.87 -5.68
N PRO A 127 6.10 -0.51 -5.03
CA PRO A 127 4.85 -1.21 -5.34
C PRO A 127 4.35 -0.87 -6.74
N LEU A 128 3.75 -1.86 -7.39
CA LEU A 128 3.20 -1.69 -8.73
C LEU A 128 2.20 -0.53 -8.85
N VAL A 129 1.35 -0.33 -7.83
CA VAL A 129 0.41 0.81 -7.82
C VAL A 129 1.10 2.18 -7.94
N ASN A 130 2.23 2.35 -7.23
CA ASN A 130 3.07 3.57 -7.34
C ASN A 130 3.68 3.70 -8.74
N ILE A 131 4.11 2.57 -9.33
CA ILE A 131 4.67 2.54 -10.69
C ILE A 131 3.61 2.98 -11.70
N ARG A 132 2.39 2.43 -11.55
CA ARG A 132 1.25 2.78 -12.41
C ARG A 132 1.00 4.30 -12.41
N GLU A 133 0.90 4.87 -11.21
CA GLU A 133 0.60 6.30 -11.03
C GLU A 133 1.74 7.22 -11.44
N THR A 134 2.98 6.76 -11.20
CA THR A 134 4.18 7.54 -11.55
C THR A 134 4.42 7.52 -13.06
N LEU A 135 4.22 6.37 -13.71
CA LEU A 135 4.29 6.30 -15.18
C LEU A 135 3.21 7.13 -15.88
N LYS A 136 2.01 7.18 -15.27
CA LYS A 136 0.94 8.05 -15.74
C LYS A 136 1.32 9.53 -15.66
N ALA A 137 1.89 9.94 -14.54
CA ALA A 137 2.38 11.31 -14.33
C ALA A 137 3.52 11.66 -15.29
N ALA A 138 4.43 10.71 -15.52
CA ALA A 138 5.51 10.87 -16.49
C ALA A 138 5.01 11.08 -17.92
N LEU A 139 3.98 10.32 -18.30
CA LEU A 139 3.28 10.48 -19.58
C LEU A 139 2.67 11.88 -19.72
N ASP A 140 2.09 12.38 -18.63
CA ASP A 140 1.49 13.72 -18.58
C ASP A 140 2.53 14.85 -18.71
N THR A 141 3.72 14.63 -18.15
CA THR A 141 4.83 15.58 -18.22
C THR A 141 5.56 15.50 -19.58
N GLY A 142 5.17 14.52 -20.40
CA GLY A 142 5.74 14.32 -21.73
C GLY A 142 7.11 13.67 -21.71
N LEU A 143 7.37 12.90 -20.66
CA LEU A 143 8.66 12.22 -20.50
C LEU A 143 8.68 10.83 -21.12
N VAL A 144 7.49 10.27 -21.37
CA VAL A 144 7.32 9.04 -22.16
C VAL A 144 6.20 9.20 -23.19
N SER A 145 6.32 8.47 -24.30
CA SER A 145 5.22 8.27 -25.23
C SER A 145 4.26 7.22 -24.66
N GLU A 146 3.10 7.07 -25.29
CA GLU A 146 2.14 6.05 -24.89
C GLU A 146 2.71 4.64 -25.07
N LYS A 147 3.45 4.42 -26.17
CA LYS A 147 4.11 3.15 -26.45
C LYS A 147 5.13 2.81 -25.35
N GLU A 148 5.93 3.81 -24.96
CA GLU A 148 6.94 3.68 -23.90
C GLU A 148 6.32 3.44 -22.53
N HIS A 149 5.26 4.19 -22.23
CA HIS A 149 4.46 3.97 -21.01
C HIS A 149 3.98 2.53 -20.92
N ASN A 150 3.31 2.07 -21.99
CA ASN A 150 2.73 0.73 -22.02
C ASN A 150 3.78 -0.39 -21.93
N ALA A 151 4.91 -0.18 -22.62
CA ALA A 151 6.01 -1.16 -22.62
C ALA A 151 6.64 -1.27 -21.24
N LEU A 152 6.88 -0.12 -20.58
CA LEU A 152 7.49 -0.10 -19.25
C LEU A 152 6.54 -0.63 -18.18
N LEU A 153 5.25 -0.34 -18.34
CA LEU A 153 4.25 -0.87 -17.41
C LEU A 153 4.15 -2.40 -17.50
N ASP A 154 4.08 -2.92 -18.72
CA ASP A 154 4.12 -4.37 -18.94
C ASP A 154 5.38 -5.01 -18.34
N LEU A 155 6.53 -4.35 -18.51
CA LEU A 155 7.79 -4.81 -17.92
C LEU A 155 7.68 -4.90 -16.39
N ALA A 156 7.13 -3.84 -15.78
CA ALA A 156 6.97 -3.78 -14.32
C ALA A 156 6.07 -4.91 -13.81
N ILE A 157 4.94 -5.13 -14.48
CA ILE A 157 4.01 -6.23 -14.17
C ILE A 157 4.76 -7.57 -14.21
N ASN A 158 5.65 -7.72 -15.19
CA ASN A 158 6.43 -8.94 -15.41
C ASN A 158 7.78 -9.00 -14.68
N THR A 159 7.92 -8.18 -13.64
CA THR A 159 9.11 -8.17 -12.79
C THR A 159 8.75 -8.70 -11.42
N TYR A 160 9.55 -9.67 -10.95
CA TYR A 160 9.48 -10.20 -9.58
C TYR A 160 9.60 -9.03 -8.59
N TYR A 161 8.61 -8.89 -7.68
CA TYR A 161 8.44 -7.63 -6.93
C TYR A 161 9.68 -7.11 -6.16
N PRO A 162 10.48 -8.01 -5.53
CA PRO A 162 11.69 -7.47 -4.87
C PRO A 162 12.69 -6.79 -5.81
N ASP A 163 12.55 -7.04 -7.12
CA ASP A 163 13.38 -6.40 -8.15
C ASP A 163 12.73 -5.17 -8.81
N ARG A 164 11.50 -4.85 -8.41
CA ARG A 164 10.80 -3.65 -8.91
C ARG A 164 11.40 -2.39 -8.31
N SER A 165 12.06 -1.59 -9.15
CA SER A 165 12.56 -0.27 -8.77
C SER A 165 12.58 0.60 -10.02
N TYR A 166 12.57 1.93 -9.81
CA TYR A 166 12.60 2.86 -10.93
C TYR A 166 13.91 2.78 -11.72
N LEU A 167 15.02 2.61 -11.00
CA LEU A 167 16.32 2.37 -11.63
C LEU A 167 16.35 1.06 -12.41
N GLY A 168 15.84 -0.02 -11.80
CA GLY A 168 15.79 -1.34 -12.45
C GLY A 168 14.91 -1.34 -13.69
N LEU A 169 13.78 -0.64 -13.60
CA LEU A 169 12.81 -0.54 -14.69
C LEU A 169 13.36 0.23 -15.89
N THR A 170 13.98 1.39 -15.63
CA THR A 170 14.58 2.20 -16.69
C THR A 170 15.82 1.55 -17.30
N LYS A 171 16.60 0.85 -16.47
CA LYS A 171 17.80 0.13 -16.91
C LYS A 171 17.43 -1.04 -17.83
N GLU A 172 16.51 -1.90 -17.38
CA GLU A 172 16.05 -3.06 -18.15
C GLU A 172 15.24 -2.61 -19.38
N GLY A 173 14.45 -1.54 -19.21
CA GLY A 173 13.73 -0.91 -20.31
C GLY A 173 14.64 -0.50 -21.46
N GLY A 174 15.74 0.17 -21.09
CA GLY A 174 16.78 0.57 -22.05
C GLY A 174 17.47 -0.61 -22.72
N LYS A 175 17.81 -1.62 -21.92
CA LYS A 175 18.46 -2.86 -22.40
C LYS A 175 17.57 -3.66 -23.36
N LYS A 176 16.26 -3.61 -23.14
CA LYS A 176 15.27 -4.33 -23.97
C LYS A 176 14.74 -3.48 -25.14
N GLY A 177 15.29 -2.29 -25.33
CA GLY A 177 14.91 -1.37 -26.42
C GLY A 177 13.52 -0.80 -26.30
N LEU A 178 13.07 -0.59 -25.07
CA LEU A 178 11.72 -0.07 -24.79
C LEU A 178 11.69 1.46 -24.69
N ILE A 179 12.85 2.07 -24.49
CA ILE A 179 13.00 3.51 -24.29
C ILE A 179 14.45 3.92 -24.63
N PRO A 180 14.65 5.09 -25.31
CA PRO A 180 16.01 5.60 -25.46
C PRO A 180 16.66 5.83 -24.10
N LYS A 181 17.96 5.56 -23.99
CA LYS A 181 18.66 5.63 -22.70
C LYS A 181 18.72 7.03 -22.10
N GLU A 182 18.86 8.06 -22.94
CA GLU A 182 18.84 9.46 -22.47
C GLU A 182 17.46 9.86 -21.95
N LYS A 183 16.43 9.40 -22.65
CA LYS A 183 15.03 9.58 -22.25
C LYS A 183 14.74 8.80 -20.96
N GLY A 184 15.38 7.63 -20.83
CA GLY A 184 15.32 6.81 -19.62
C GLY A 184 15.90 7.51 -18.40
N LYS A 185 17.00 8.25 -18.61
CA LYS A 185 17.67 9.01 -17.54
C LYS A 185 16.81 10.16 -17.02
N GLN A 186 16.15 10.86 -17.95
CA GLN A 186 15.21 11.92 -17.62
C GLN A 186 14.00 11.37 -16.88
N LEU A 187 13.53 10.20 -17.31
CA LEU A 187 12.43 9.51 -16.63
C LEU A 187 12.79 9.09 -15.21
N LEU A 188 13.99 8.53 -15.04
CA LEU A 188 14.47 8.13 -13.71
C LEU A 188 14.55 9.29 -12.71
N ASP A 189 15.05 10.44 -13.16
CA ASP A 189 15.08 11.65 -12.34
C ASP A 189 13.68 12.05 -11.89
N PHE A 190 12.71 12.00 -12.80
CA PHE A 190 11.30 12.27 -12.49
C PHE A 190 10.75 11.31 -11.46
N CYS A 191 11.02 10.01 -11.64
CA CYS A 191 10.53 8.97 -10.74
C CYS A 191 11.10 9.09 -9.33
N LEU A 192 12.35 9.53 -9.24
CA LEU A 192 13.04 9.64 -7.95
C LEU A 192 12.70 10.91 -7.17
N ASN A 193 12.26 11.94 -7.88
CA ASN A 193 11.97 13.25 -7.28
C ASN A 193 10.50 13.65 -7.25
N SER A 194 9.70 13.03 -8.12
CA SER A 194 8.28 13.34 -8.25
C SER A 194 7.42 12.08 -8.34
N GLU A 195 7.78 11.07 -7.54
CA GLU A 195 6.98 9.85 -7.43
C GLU A 195 5.57 10.21 -6.95
N VAL A 196 4.57 9.58 -7.57
CA VAL A 196 3.20 9.61 -7.08
C VAL A 196 3.11 8.42 -6.13
N ASP A 197 3.33 8.71 -4.84
CA ASP A 197 3.37 7.71 -3.79
C ASP A 197 1.94 7.50 -3.26
N ILE A 198 1.19 6.73 -4.05
CA ILE A 198 -0.22 6.51 -3.75
C ILE A 198 -0.41 5.70 -2.47
N LYS A 199 0.51 4.79 -2.19
CA LYS A 199 0.47 4.02 -0.94
C LYS A 199 0.59 4.93 0.29
N ARG A 200 1.51 5.89 0.23
CA ARG A 200 1.69 6.84 1.33
C ARG A 200 0.46 7.74 1.51
N GLN A 201 -0.09 8.22 0.39
CA GLN A 201 -1.24 9.12 0.45
C GLN A 201 -2.46 8.39 0.98
N ASP A 202 -2.64 7.15 0.55
CA ASP A 202 -3.72 6.31 1.07
C ASP A 202 -3.53 5.99 2.54
N ALA A 203 -2.28 5.73 2.94
CA ALA A 203 -1.93 5.46 4.35
C ALA A 203 -2.33 6.63 5.25
N VAL A 204 -2.02 7.84 4.82
CA VAL A 204 -2.43 9.07 5.53
C VAL A 204 -3.97 9.15 5.66
N LEU A 205 -4.68 8.81 4.59
CA LEU A 205 -6.15 8.74 4.63
C LEU A 205 -6.68 7.74 5.67
N VAL A 206 -6.00 6.60 5.83
CA VAL A 206 -6.36 5.62 6.87
C VAL A 206 -6.21 6.24 8.26
N LEU A 207 -5.07 6.91 8.47
CA LEU A 207 -4.78 7.59 9.75
C LEU A 207 -5.85 8.61 10.09
N GLU A 208 -6.26 9.39 9.09
CA GLU A 208 -7.26 10.44 9.28
C GLU A 208 -8.65 9.88 9.54
N THR A 209 -8.97 8.74 8.90
CA THR A 209 -10.24 8.01 9.14
C THR A 209 -10.28 7.42 10.55
N VAL A 210 -9.18 6.79 10.96
CA VAL A 210 -9.04 6.24 12.31
C VAL A 210 -9.19 7.36 13.35
N LYS A 211 -8.52 8.50 13.10
CA LYS A 211 -8.64 9.71 13.92
C LYS A 211 -10.11 10.09 14.17
N LYS A 212 -10.90 10.13 13.09
CA LYS A 212 -12.31 10.48 13.15
C LYS A 212 -13.14 9.48 13.96
N LEU A 213 -12.88 8.18 13.77
CA LEU A 213 -13.64 7.15 14.46
C LEU A 213 -13.35 7.08 15.97
N ILE A 214 -12.09 7.37 16.35
CA ILE A 214 -11.72 7.48 17.77
C ILE A 214 -12.46 8.64 18.43
N GLU A 215 -12.53 9.78 17.74
CA GLU A 215 -13.23 10.98 18.23
C GLU A 215 -14.74 10.77 18.39
N GLU A 216 -15.31 9.88 17.59
CA GLU A 216 -16.75 9.59 17.64
C GLU A 216 -17.09 8.49 18.64
N ALA A 217 -18.10 8.75 19.47
CA ALA A 217 -18.50 7.87 20.57
C ALA A 217 -19.61 6.92 20.16
#